data_6SCO
#
_entry.id   6SCO
#
_cell.length_a   1.00
_cell.length_b   1.00
_cell.length_c   1.00
_cell.angle_alpha   90.00
_cell.angle_beta   90.00
_cell.angle_gamma   90.00
#
_symmetry.space_group_name_H-M   'P 1'
#
_entity_poly.entity_id   1
_entity_poly.type   'polypeptide(L)'
_entity_poly.pdbx_seq_one_letter_code
;MSTVVVKGNVNGGVQQPRMRRRQSLRRRANRVQPVVMVTAPGQPRRRRRRRGGNRRSRRTGVPRGRGSSETFVFTKDNLV
GNTQGSFTFGPSLSDCPAFKDGILKAYHEYKITSILLQFVSEASSTSSGSIAYELDPHCKVSSLQSYVNKFQITKGGAKT
YQARMINGVEWHDSSEDQCRILWKGNGKSSDSAGSFRVTIKVALQNPK
;
_entity_poly.pdbx_strand_id   A,B,C
#
# COMPACT_ATOMS: atom_id res chain seq x y z
N SER A 68 -5.31 20.23 7.32
CA SER A 68 -4.22 21.16 7.08
C SER A 68 -3.80 21.15 5.62
N SER A 69 -4.77 21.38 4.73
CA SER A 69 -4.51 21.36 3.30
C SER A 69 -3.76 22.62 2.87
N GLU A 70 -2.99 22.51 1.80
CA GLU A 70 -2.20 23.62 1.29
C GLU A 70 -1.91 23.38 -0.19
N THR A 71 -1.92 24.45 -0.97
CA THR A 71 -1.59 24.40 -2.39
C THR A 71 -0.19 24.96 -2.61
N PHE A 72 0.56 24.34 -3.51
CA PHE A 72 1.91 24.77 -3.85
C PHE A 72 2.02 24.92 -5.35
N VAL A 73 2.47 26.10 -5.79
CA VAL A 73 2.70 26.38 -7.19
C VAL A 73 4.19 26.51 -7.41
N PHE A 74 4.74 25.70 -8.30
CA PHE A 74 6.15 25.79 -8.65
C PHE A 74 6.29 25.66 -10.15
N THR A 75 7.35 26.25 -10.69
CA THR A 75 7.57 26.28 -12.12
C THR A 75 8.86 25.55 -12.48
N LYS A 76 8.99 25.25 -13.77
CA LYS A 76 10.21 24.74 -14.35
C LYS A 76 10.83 25.83 -15.21
N ASP A 77 12.16 25.82 -15.32
CA ASP A 77 12.92 26.92 -15.88
C ASP A 77 12.86 26.98 -17.40
N ASN A 78 13.76 27.75 -18.01
CA ASN A 78 13.81 27.93 -19.45
C ASN A 78 14.11 26.62 -20.16
N LEU A 79 13.09 26.04 -20.78
CA LEU A 79 13.17 24.72 -21.36
C LEU A 79 13.56 24.79 -22.83
N VAL A 80 14.51 23.95 -23.20
CA VAL A 80 14.90 23.77 -24.60
C VAL A 80 13.87 22.82 -25.20
N GLY A 81 13.83 22.71 -26.54
CA GLY A 81 12.75 22.00 -27.19
C GLY A 81 12.78 20.49 -27.02
N ASN A 82 13.97 19.91 -26.82
CA ASN A 82 14.10 18.46 -26.63
C ASN A 82 14.31 18.09 -25.17
N THR A 83 13.61 18.78 -24.27
CA THR A 83 13.83 18.64 -22.85
C THR A 83 13.34 17.28 -22.34
N GLN A 84 13.91 16.87 -21.21
CA GLN A 84 13.50 15.67 -20.50
C GLN A 84 13.48 15.98 -19.01
N GLY A 85 12.91 15.07 -18.24
CA GLY A 85 12.91 15.24 -16.80
C GLY A 85 11.80 14.43 -16.16
N SER A 86 11.58 14.71 -14.88
CA SER A 86 10.58 14.01 -14.09
C SER A 86 10.27 14.84 -12.85
N PHE A 87 8.99 14.88 -12.49
CA PHE A 87 8.52 15.53 -11.27
C PHE A 87 8.14 14.43 -10.29
N THR A 88 9.12 13.94 -9.53
CA THR A 88 8.84 12.91 -8.53
C THR A 88 8.29 13.58 -7.28
N PHE A 89 6.98 13.46 -7.09
CA PHE A 89 6.30 14.20 -6.04
C PHE A 89 6.51 13.56 -4.68
N GLY A 90 6.59 14.41 -3.66
CA GLY A 90 6.88 13.96 -2.33
C GLY A 90 8.16 14.59 -1.82
N PRO A 91 8.97 13.81 -1.09
CA PRO A 91 10.24 14.31 -0.58
C PRO A 91 11.37 14.35 -1.60
N SER A 92 11.09 14.19 -2.89
CA SER A 92 12.13 14.25 -3.91
C SER A 92 11.88 15.34 -4.94
N LEU A 93 10.94 16.25 -4.68
CA LEU A 93 10.79 17.44 -5.52
C LEU A 93 11.96 18.38 -5.26
N SER A 94 12.92 18.40 -6.16
CA SER A 94 13.97 19.40 -6.09
C SER A 94 13.51 20.77 -6.56
N ASP A 95 12.35 20.85 -7.20
CA ASP A 95 11.86 22.09 -7.79
C ASP A 95 10.90 22.86 -6.89
N CYS A 96 10.55 22.32 -5.73
CA CYS A 96 9.70 23.03 -4.77
C CYS A 96 10.24 22.75 -3.37
N PRO A 97 11.21 23.54 -2.91
CA PRO A 97 11.77 23.30 -1.56
C PRO A 97 10.81 23.62 -0.44
N ALA A 98 9.84 24.51 -0.66
CA ALA A 98 8.82 24.80 0.34
C ALA A 98 7.90 23.62 0.60
N PHE A 99 7.86 22.64 -0.31
CA PHE A 99 7.23 21.35 -0.06
C PHE A 99 8.23 20.25 0.22
N LYS A 100 9.46 20.37 -0.28
CA LYS A 100 10.45 19.32 -0.09
C LYS A 100 10.93 19.27 1.36
N ASP A 101 11.56 20.35 1.82
CA ASP A 101 11.98 20.42 3.21
C ASP A 101 11.33 21.59 3.94
N GLY A 102 10.12 21.94 3.52
CA GLY A 102 9.33 22.95 4.18
C GLY A 102 8.25 22.33 5.01
N ILE A 103 7.03 22.25 4.46
CA ILE A 103 5.88 21.75 5.19
C ILE A 103 5.97 20.25 5.44
N LEU A 104 6.82 19.52 4.72
CA LEU A 104 6.85 18.07 4.84
C LEU A 104 7.69 17.61 6.02
N LYS A 105 8.61 18.43 6.51
CA LYS A 105 9.39 18.10 7.69
C LYS A 105 8.61 18.28 8.98
N ALA A 106 7.44 18.90 8.93
CA ALA A 106 6.64 19.17 10.11
C ALA A 106 5.42 18.28 10.22
N TYR A 107 5.36 17.19 9.45
CA TYR A 107 4.24 16.26 9.51
C TYR A 107 4.73 14.85 9.25
N HIS A 108 4.06 13.88 9.89
CA HIS A 108 4.44 12.48 9.68
C HIS A 108 3.98 11.98 8.33
N GLU A 109 2.75 12.28 7.93
CA GLU A 109 2.20 11.68 6.73
C GLU A 109 1.39 12.69 5.93
N TYR A 110 1.33 12.46 4.62
CA TYR A 110 0.70 13.38 3.69
C TYR A 110 -0.02 12.58 2.61
N LYS A 111 -0.75 13.29 1.77
CA LYS A 111 -1.19 12.78 0.47
C LYS A 111 -1.48 13.99 -0.40
N ILE A 112 -1.19 13.88 -1.69
CA ILE A 112 -1.44 14.96 -2.63
C ILE A 112 -2.82 14.76 -3.24
N THR A 113 -3.73 15.68 -2.97
CA THR A 113 -5.10 15.54 -3.40
C THR A 113 -5.25 15.78 -4.90
N SER A 114 -4.56 16.77 -5.45
CA SER A 114 -4.69 16.98 -6.90
C SER A 114 -3.41 17.56 -7.46
N ILE A 115 -3.21 17.37 -8.77
CA ILE A 115 -2.05 17.90 -9.47
C ILE A 115 -2.53 18.53 -10.78
N LEU A 116 -2.31 19.83 -10.94
CA LEU A 116 -2.62 20.53 -12.18
C LEU A 116 -1.30 20.89 -12.84
N LEU A 117 -0.96 20.18 -13.90
CA LEU A 117 0.26 20.43 -14.66
C LEU A 117 -0.07 21.27 -15.89
N GLN A 118 0.60 22.40 -16.02
CA GLN A 118 0.28 23.35 -17.07
C GLN A 118 1.53 23.68 -17.87
N PHE A 119 1.42 23.60 -19.19
CA PHE A 119 2.49 23.92 -20.12
C PHE A 119 2.23 25.31 -20.67
N VAL A 120 3.03 26.28 -20.23
CA VAL A 120 2.87 27.68 -20.61
C VAL A 120 4.02 28.02 -21.56
N SER A 121 3.74 28.05 -22.85
CA SER A 121 4.77 28.08 -23.87
C SER A 121 5.05 29.50 -24.33
N GLU A 122 6.31 29.94 -24.17
CA GLU A 122 6.81 31.09 -24.92
C GLU A 122 7.72 30.52 -26.01
N ALA A 123 7.09 30.10 -27.09
CA ALA A 123 7.78 29.51 -28.23
C ALA A 123 7.34 30.20 -29.51
N SER A 124 8.24 30.24 -30.48
CA SER A 124 7.93 30.83 -31.77
C SER A 124 6.93 29.95 -32.52
N SER A 125 6.16 30.57 -33.40
CA SER A 125 5.15 29.83 -34.16
C SER A 125 5.73 29.06 -35.33
N THR A 126 7.05 29.11 -35.54
CA THR A 126 7.71 28.30 -36.55
C THR A 126 8.54 27.18 -35.94
N SER A 127 8.33 26.88 -34.65
CA SER A 127 9.04 25.80 -33.99
C SER A 127 8.16 24.55 -33.96
N SER A 128 8.67 23.46 -34.51
CA SER A 128 7.92 22.23 -34.63
C SER A 128 8.33 21.26 -33.52
N GLY A 129 7.37 20.53 -33.00
CA GLY A 129 7.64 19.56 -31.97
C GLY A 129 6.47 19.47 -31.00
N SER A 130 6.61 18.52 -30.07
CA SER A 130 5.55 18.23 -29.12
C SER A 130 6.15 17.53 -27.92
N ILE A 131 5.87 18.05 -26.73
CA ILE A 131 6.43 17.51 -25.49
C ILE A 131 5.43 16.54 -24.89
N ALA A 132 5.82 15.28 -24.79
CA ALA A 132 4.96 14.22 -24.28
C ALA A 132 5.19 14.02 -22.79
N TYR A 133 4.20 13.40 -22.14
CA TYR A 133 4.23 13.28 -20.68
C TYR A 133 3.42 12.06 -20.28
N GLU A 134 3.78 11.47 -19.14
CA GLU A 134 2.98 10.41 -18.57
C GLU A 134 2.92 10.57 -17.06
N LEU A 135 1.93 9.92 -16.47
CA LEU A 135 1.57 10.14 -15.07
C LEU A 135 2.40 9.30 -14.10
N ASP A 136 2.47 7.98 -14.33
CA ASP A 136 3.21 7.00 -13.53
C ASP A 136 2.87 7.09 -12.04
N PRO A 137 1.72 6.55 -11.63
CA PRO A 137 1.25 6.76 -10.25
C PRO A 137 2.07 6.05 -9.19
N HIS A 138 2.95 5.13 -9.56
CA HIS A 138 3.87 4.48 -8.64
C HIS A 138 5.27 4.67 -9.23
N CYS A 139 6.16 5.24 -8.42
CA CYS A 139 7.44 5.76 -8.92
C CYS A 139 8.36 4.60 -9.30
N LYS A 140 8.15 4.08 -10.51
CA LYS A 140 8.87 2.90 -10.97
C LYS A 140 9.47 3.02 -12.36
N VAL A 141 9.38 4.16 -13.02
CA VAL A 141 10.00 4.32 -14.34
C VAL A 141 10.85 5.59 -14.32
N SER A 142 11.95 5.56 -15.07
CA SER A 142 12.88 6.69 -15.12
C SER A 142 12.89 7.41 -16.47
N SER A 143 12.41 6.77 -17.53
CA SER A 143 12.23 7.42 -18.83
C SER A 143 10.74 7.46 -19.16
N LEU A 144 10.42 8.03 -20.31
CA LEU A 144 9.03 8.27 -20.64
C LEU A 144 8.33 6.99 -21.10
N GLN A 145 8.81 6.38 -22.18
CA GLN A 145 8.39 5.07 -22.70
C GLN A 145 6.94 4.98 -23.15
N SER A 146 6.20 6.09 -23.19
CA SER A 146 4.81 6.07 -23.62
C SER A 146 4.44 7.45 -24.13
N TYR A 147 4.08 7.54 -25.42
CA TYR A 147 3.86 8.80 -26.11
C TYR A 147 2.39 9.00 -26.45
N VAL A 148 1.49 8.64 -25.54
CA VAL A 148 0.06 8.64 -25.85
C VAL A 148 -0.48 10.06 -25.88
N ASN A 149 -0.31 10.80 -24.80
CA ASN A 149 -0.79 12.17 -24.70
C ASN A 149 0.39 13.14 -24.61
N LYS A 150 0.19 14.33 -25.18
CA LYS A 150 1.30 15.25 -25.37
C LYS A 150 0.78 16.66 -25.58
N PHE A 151 1.64 17.64 -25.25
CA PHE A 151 1.42 19.04 -25.52
C PHE A 151 2.13 19.43 -26.82
N GLN A 152 1.64 20.48 -27.45
CA GLN A 152 2.31 21.06 -28.59
C GLN A 152 3.20 22.21 -28.12
N ILE A 153 4.35 22.38 -28.78
CA ILE A 153 5.31 23.38 -28.34
C ILE A 153 4.81 24.79 -28.66
N THR A 154 4.14 24.97 -29.80
CA THR A 154 3.58 26.28 -30.12
C THR A 154 2.39 26.62 -29.21
N LYS A 155 1.37 25.77 -29.21
CA LYS A 155 0.17 25.99 -28.42
C LYS A 155 0.29 25.20 -27.13
N GLY A 156 0.47 25.92 -26.02
CA GLY A 156 0.60 25.26 -24.73
C GLY A 156 -0.71 24.67 -24.25
N GLY A 157 -0.62 23.89 -23.17
CA GLY A 157 -1.78 23.17 -22.71
C GLY A 157 -1.89 23.03 -21.21
N ALA A 158 -2.80 22.18 -20.75
CA ALA A 158 -3.00 21.96 -19.33
C ALA A 158 -3.65 20.61 -19.12
N LYS A 159 -3.29 19.94 -18.02
CA LYS A 159 -3.82 18.64 -17.68
C LYS A 159 -4.03 18.57 -16.19
N THR A 160 -5.25 18.23 -15.76
CA THR A 160 -5.63 18.20 -14.36
C THR A 160 -5.83 16.76 -13.92
N TYR A 161 -5.06 16.33 -12.93
CA TYR A 161 -5.13 14.99 -12.38
C TYR A 161 -5.81 15.02 -11.01
N GLN A 162 -6.85 14.19 -10.86
CA GLN A 162 -7.61 14.11 -9.62
C GLN A 162 -6.90 13.17 -8.65
N ALA A 163 -7.59 12.79 -7.58
CA ALA A 163 -6.95 12.07 -6.48
C ALA A 163 -6.72 10.60 -6.80
N ARG A 164 -7.69 9.95 -7.45
CA ARG A 164 -7.59 8.51 -7.71
C ARG A 164 -6.56 8.18 -8.77
N MET A 165 -6.18 9.15 -9.60
CA MET A 165 -5.20 8.90 -10.64
C MET A 165 -3.77 8.87 -10.10
N ILE A 166 -3.48 9.66 -9.07
CA ILE A 166 -2.11 9.96 -8.69
C ILE A 166 -1.69 9.28 -7.39
N ASN A 167 -2.33 8.16 -7.06
CA ASN A 167 -2.12 7.43 -5.80
C ASN A 167 -2.40 8.34 -4.61
N GLY A 168 -3.51 9.06 -4.68
CA GLY A 168 -3.81 10.07 -3.69
C GLY A 168 -5.03 9.80 -2.84
N VAL A 169 -5.32 8.52 -2.61
CA VAL A 169 -6.43 8.13 -1.75
C VAL A 169 -5.97 7.61 -0.40
N GLU A 170 -4.71 7.20 -0.26
CA GLU A 170 -4.19 6.72 1.00
C GLU A 170 -3.06 7.63 1.47
N TRP A 171 -2.85 7.67 2.78
CA TRP A 171 -1.82 8.52 3.36
C TRP A 171 -0.45 7.90 3.13
N HIS A 172 0.50 8.74 2.72
CA HIS A 172 1.86 8.30 2.45
C HIS A 172 2.79 8.85 3.51
N ASP A 173 3.79 8.07 3.88
CA ASP A 173 4.79 8.53 4.83
C ASP A 173 5.64 9.62 4.20
N SER A 174 6.18 10.51 5.04
CA SER A 174 6.91 11.69 4.58
C SER A 174 8.31 11.37 4.06
N SER A 175 8.68 10.11 3.92
CA SER A 175 9.87 9.71 3.19
C SER A 175 9.53 8.83 2.00
N GLU A 176 8.27 8.84 1.57
CA GLU A 176 7.80 8.05 0.44
C GLU A 176 7.41 8.98 -0.71
N ASP A 177 8.01 8.76 -1.87
CA ASP A 177 7.56 9.45 -3.07
C ASP A 177 6.20 8.89 -3.50
N GLN A 178 5.33 9.78 -3.97
CA GLN A 178 3.97 9.36 -4.30
C GLN A 178 3.79 8.97 -5.76
N CYS A 179 4.04 9.91 -6.67
CA CYS A 179 3.89 9.68 -8.10
C CYS A 179 4.94 10.48 -8.84
N ARG A 180 5.17 10.15 -10.11
CA ARG A 180 6.26 10.77 -10.88
C ARG A 180 5.76 11.09 -12.29
N ILE A 181 5.45 12.35 -12.55
CA ILE A 181 5.09 12.77 -13.90
C ILE A 181 6.37 12.97 -14.71
N LEU A 182 6.45 12.35 -15.88
CA LEU A 182 7.64 12.47 -16.72
C LEU A 182 7.28 13.13 -18.04
N TRP A 183 8.25 13.83 -18.63
CA TRP A 183 8.05 14.44 -19.94
C TRP A 183 9.27 14.17 -20.81
N LYS A 184 9.08 14.34 -22.11
CA LYS A 184 10.13 14.18 -23.10
C LYS A 184 9.67 14.85 -24.39
N GLY A 185 10.44 15.81 -24.88
CA GLY A 185 10.07 16.50 -26.09
C GLY A 185 10.85 16.05 -27.29
N ASN A 186 10.36 16.37 -28.49
CA ASN A 186 11.02 15.96 -29.73
C ASN A 186 11.41 17.15 -30.60
N GLY A 187 11.40 18.36 -30.04
CA GLY A 187 11.73 19.54 -30.80
C GLY A 187 13.22 19.69 -31.00
N LYS A 188 13.61 20.86 -31.50
CA LYS A 188 15.01 21.14 -31.76
C LYS A 188 15.72 21.48 -30.46
N SER A 189 17.04 21.34 -30.49
CA SER A 189 17.88 21.67 -29.34
C SER A 189 18.27 23.14 -29.29
N SER A 190 17.61 23.99 -30.07
CA SER A 190 17.89 25.42 -30.09
C SER A 190 16.67 26.26 -29.77
N ASP A 191 15.47 25.72 -29.92
CA ASP A 191 14.25 26.46 -29.62
C ASP A 191 14.02 26.51 -28.12
N SER A 192 12.98 27.23 -27.71
CA SER A 192 12.71 27.45 -26.30
C SER A 192 11.22 27.39 -26.04
N ALA A 193 10.82 26.61 -25.03
CA ALA A 193 9.42 26.48 -24.64
C ALA A 193 9.27 26.42 -23.13
N GLY A 194 9.94 27.32 -22.39
CA GLY A 194 10.01 27.30 -20.93
C GLY A 194 8.68 27.39 -20.20
N SER A 195 8.37 26.39 -19.39
CA SER A 195 6.98 26.08 -19.08
C SER A 195 6.87 25.30 -17.77
N PHE A 196 5.74 24.58 -17.64
CA PHE A 196 5.37 23.70 -16.53
C PHE A 196 5.19 24.47 -15.22
N ARG A 197 4.17 25.33 -15.25
CA ARG A 197 3.55 25.80 -14.02
C ARG A 197 2.73 24.66 -13.43
N VAL A 198 3.13 24.16 -12.27
CA VAL A 198 2.52 23.00 -11.63
C VAL A 198 1.91 23.44 -10.31
N THR A 199 0.65 23.08 -10.08
CA THR A 199 -0.09 23.44 -8.88
C THR A 199 -0.58 22.18 -8.20
N ILE A 200 -0.03 21.86 -7.03
CA ILE A 200 -0.43 20.67 -6.30
C ILE A 200 -1.25 21.07 -5.09
N LYS A 201 -2.24 20.24 -4.77
CA LYS A 201 -3.04 20.39 -3.56
C LYS A 201 -2.73 19.18 -2.68
N VAL A 202 -2.13 19.44 -1.53
CA VAL A 202 -1.64 18.41 -0.63
C VAL A 202 -2.31 18.57 0.73
N ALA A 203 -2.62 17.45 1.37
CA ALA A 203 -3.20 17.41 2.70
C ALA A 203 -2.27 16.65 3.64
N LEU A 204 -2.16 17.13 4.87
CA LEU A 204 -1.23 16.55 5.84
C LEU A 204 -1.95 16.48 7.17
N GLN A 205 -1.70 15.43 7.97
CA GLN A 205 -2.51 15.30 9.17
C GLN A 205 -1.76 15.06 10.48
N ASN A 206 -0.59 14.43 10.47
CA ASN A 206 0.00 13.98 11.73
C ASN A 206 1.24 14.80 12.03
N PRO A 207 1.18 15.76 12.95
CA PRO A 207 2.28 16.73 13.09
C PRO A 207 3.51 16.13 13.74
N LYS A 208 4.64 16.78 13.47
CA LYS A 208 5.94 16.24 13.85
C LYS A 208 6.93 17.37 14.12
N SER B 68 -13.13 1.14 -17.54
CA SER B 68 -12.77 0.16 -18.56
C SER B 68 -12.68 -1.24 -17.98
N SER B 69 -13.77 -1.67 -17.35
CA SER B 69 -13.82 -2.99 -16.72
C SER B 69 -13.95 -4.08 -17.77
N GLU B 70 -13.45 -5.27 -17.44
CA GLU B 70 -13.49 -6.40 -18.35
C GLU B 70 -13.40 -7.69 -17.54
N THR B 71 -14.12 -8.71 -17.97
CA THR B 71 -14.08 -10.03 -17.36
C THR B 71 -13.27 -10.97 -18.23
N PHE B 72 -12.49 -11.84 -17.58
CA PHE B 72 -11.67 -12.82 -18.27
C PHE B 72 -11.94 -14.20 -17.68
N VAL B 73 -12.26 -15.15 -18.55
CA VAL B 73 -12.50 -16.53 -18.15
C VAL B 73 -11.38 -17.36 -18.73
N PHE B 74 -10.66 -18.07 -17.87
CA PHE B 74 -9.61 -18.98 -18.31
C PHE B 74 -9.70 -20.26 -17.51
N THR B 75 -9.23 -21.35 -18.11
CA THR B 75 -9.33 -22.66 -17.50
C THR B 75 -7.95 -23.25 -17.25
N LYS B 76 -7.93 -24.29 -16.43
CA LYS B 76 -6.75 -25.11 -16.23
C LYS B 76 -6.99 -26.46 -16.88
N ASP B 77 -5.91 -27.09 -17.32
CA ASP B 77 -5.97 -28.25 -18.19
C ASP B 77 -6.34 -29.54 -17.46
N ASN B 78 -6.11 -30.69 -18.10
CA ASN B 78 -6.43 -31.99 -17.54
C ASN B 78 -5.62 -32.25 -16.29
N LEU B 79 -6.27 -32.18 -15.13
CA LEU B 79 -5.60 -32.25 -13.85
C LEU B 79 -5.60 -33.66 -13.31
N VAL B 80 -4.43 -34.09 -12.85
CA VAL B 80 -4.27 -35.37 -12.17
C VAL B 80 -4.73 -35.14 -10.73
N GLY B 81 -4.94 -36.20 -9.97
CA GLY B 81 -5.58 -36.07 -8.66
C GLY B 81 -4.71 -35.43 -7.59
N ASN B 82 -3.40 -35.55 -7.69
CA ASN B 82 -2.48 -34.96 -6.73
C ASN B 82 -1.84 -33.68 -7.26
N THR B 83 -2.61 -32.86 -7.96
CA THR B 83 -2.09 -31.70 -8.64
C THR B 83 -1.67 -30.61 -7.67
N GLN B 84 -0.77 -29.74 -8.14
CA GLN B 84 -0.34 -28.57 -7.41
C GLN B 84 -0.25 -27.41 -8.39
N GLY B 85 -0.09 -26.21 -7.85
CA GLY B 85 0.08 -25.05 -8.70
C GLY B 85 -0.28 -23.78 -7.95
N SER B 86 -0.37 -22.70 -8.73
CA SER B 86 -0.68 -21.38 -8.19
C SER B 86 -1.15 -20.49 -9.33
N PHE B 87 -2.15 -19.66 -9.04
CA PHE B 87 -2.65 -18.67 -9.98
C PHE B 87 -2.21 -17.30 -9.47
N THR B 88 -1.00 -16.90 -9.84
CA THR B 88 -0.49 -15.59 -9.44
C THR B 88 -1.07 -14.54 -10.37
N PHE B 89 -2.05 -13.80 -9.87
CA PHE B 89 -2.81 -12.89 -10.70
C PHE B 89 -2.04 -11.61 -10.96
N GLY B 90 -2.24 -11.07 -12.16
CA GLY B 90 -1.51 -9.90 -12.60
C GLY B 90 -0.69 -10.21 -13.83
N PRO B 91 0.52 -9.66 -13.91
CA PRO B 91 1.40 -9.92 -15.06
C PRO B 91 2.12 -11.26 -15.00
N SER B 92 1.73 -12.18 -14.12
CA SER B 92 2.37 -13.49 -14.07
C SER B 92 1.39 -14.63 -14.30
N LEU B 93 0.17 -14.34 -14.76
CA LEU B 93 -0.74 -15.38 -15.22
C LEU B 93 -0.24 -15.97 -16.52
N SER B 94 0.39 -17.13 -16.45
CA SER B 94 0.73 -17.85 -17.67
C SER B 94 -0.47 -18.52 -18.32
N ASP B 95 -1.59 -18.61 -17.61
CA ASP B 95 -2.76 -19.33 -18.08
C ASP B 95 -3.80 -18.44 -18.76
N CYS B 96 -3.59 -17.13 -18.80
CA CYS B 96 -4.48 -16.21 -19.49
C CYS B 96 -3.64 -15.15 -20.19
N PRO B 97 -3.16 -15.43 -21.41
CA PRO B 97 -2.33 -14.45 -22.11
C PRO B 97 -3.08 -13.20 -22.54
N ALA B 98 -4.40 -13.30 -22.74
CA ALA B 98 -5.21 -12.12 -23.08
C ALA B 98 -5.29 -11.12 -21.93
N PHE B 99 -4.97 -11.55 -20.71
CA PHE B 99 -4.75 -10.64 -19.59
C PHE B 99 -3.29 -10.44 -19.27
N LYS B 100 -2.43 -11.41 -19.58
CA LYS B 100 -1.00 -11.30 -19.24
C LYS B 100 -0.32 -10.26 -20.13
N ASP B 101 -0.30 -10.48 -21.44
CA ASP B 101 0.27 -9.51 -22.36
C ASP B 101 -0.76 -9.03 -23.37
N GLY B 102 -2.02 -9.00 -22.96
CA GLY B 102 -3.08 -8.47 -23.76
C GLY B 102 -3.50 -7.10 -23.28
N ILE B 103 -4.55 -7.05 -22.47
CA ILE B 103 -5.11 -5.78 -22.00
C ILE B 103 -4.18 -5.10 -20.99
N LEU B 104 -3.22 -5.81 -20.41
CA LEU B 104 -2.40 -5.23 -19.36
C LEU B 104 -1.24 -4.41 -19.91
N LYS B 105 -0.83 -4.67 -21.15
CA LYS B 105 0.20 -3.87 -21.78
C LYS B 105 -0.30 -2.53 -22.27
N ALA B 106 -1.60 -2.29 -22.27
CA ALA B 106 -2.18 -1.05 -22.76
C ALA B 106 -2.70 -0.15 -21.65
N TYR B 107 -2.31 -0.41 -20.40
CA TYR B 107 -2.73 0.41 -19.28
C TYR B 107 -1.62 0.47 -18.25
N HIS B 108 -1.53 1.62 -17.55
CA HIS B 108 -0.51 1.77 -16.51
C HIS B 108 -0.87 0.98 -15.26
N GLU B 109 -2.12 1.05 -14.82
CA GLU B 109 -2.48 0.47 -13.54
C GLU B 109 -3.83 -0.21 -13.61
N TYR B 110 -4.00 -1.23 -12.76
CA TYR B 110 -5.19 -2.07 -12.75
C TYR B 110 -5.54 -2.41 -11.33
N LYS B 111 -6.69 -3.08 -11.17
CA LYS B 111 -7.02 -3.82 -9.96
C LYS B 111 -8.07 -4.85 -10.33
N ILE B 112 -8.00 -6.02 -9.72
CA ILE B 112 -8.97 -7.08 -9.99
C ILE B 112 -10.11 -6.96 -8.99
N THR B 113 -11.30 -6.68 -9.49
CA THR B 113 -12.44 -6.42 -8.63
C THR B 113 -12.98 -7.70 -8.02
N SER B 114 -13.03 -8.80 -8.76
CA SER B 114 -13.52 -10.03 -8.15
C SER B 114 -12.88 -11.24 -8.82
N ILE B 115 -12.85 -12.36 -8.10
CA ILE B 115 -12.31 -13.62 -8.60
C ILE B 115 -13.28 -14.73 -8.25
N LEU B 116 -13.82 -15.40 -9.27
CA LEU B 116 -14.69 -16.56 -9.07
C LEU B 116 -13.91 -17.78 -9.53
N LEU B 117 -13.46 -18.59 -8.57
CA LEU B 117 -12.72 -19.81 -8.87
C LEU B 117 -13.66 -21.00 -8.77
N GLN B 118 -13.74 -21.78 -9.84
CA GLN B 118 -14.71 -22.85 -9.93
C GLN B 118 -14.00 -24.16 -10.26
N PHE B 119 -14.30 -25.20 -9.51
CA PHE B 119 -13.76 -26.52 -9.70
C PHE B 119 -14.82 -27.37 -10.41
N VAL B 120 -14.60 -27.65 -11.68
CA VAL B 120 -15.54 -28.39 -12.52
C VAL B 120 -14.95 -29.77 -12.74
N SER B 121 -15.44 -30.77 -12.02
CA SER B 121 -14.79 -32.06 -11.93
C SER B 121 -15.40 -33.05 -12.91
N GLU B 122 -14.58 -33.58 -13.82
CA GLU B 122 -14.92 -34.81 -14.52
C GLU B 122 -14.06 -35.91 -13.90
N ALA B 123 -14.56 -36.43 -12.78
CA ALA B 123 -13.88 -37.47 -12.03
C ALA B 123 -14.86 -38.60 -11.75
N SER B 124 -14.31 -39.81 -11.65
CA SER B 124 -15.12 -40.97 -11.33
C SER B 124 -15.61 -40.90 -9.89
N SER B 125 -16.75 -41.54 -9.62
CA SER B 125 -17.33 -41.51 -8.29
C SER B 125 -16.65 -42.48 -7.33
N THR B 126 -15.63 -43.22 -7.77
CA THR B 126 -14.84 -44.07 -6.91
C THR B 126 -13.45 -43.51 -6.66
N SER B 127 -13.22 -42.24 -6.99
CA SER B 127 -11.93 -41.60 -6.76
C SER B 127 -11.99 -40.79 -5.48
N SER B 128 -11.09 -41.09 -4.55
CA SER B 128 -11.07 -40.45 -3.24
C SER B 128 -10.01 -39.37 -3.21
N GLY B 129 -10.32 -38.28 -2.53
CA GLY B 129 -9.38 -37.19 -2.40
C GLY B 129 -10.11 -35.86 -2.35
N SER B 130 -9.33 -34.81 -2.14
CA SER B 130 -9.87 -33.47 -1.98
C SER B 130 -8.77 -32.46 -2.28
N ILE B 131 -9.06 -31.51 -3.16
CA ILE B 131 -8.08 -30.51 -3.59
C ILE B 131 -8.28 -29.26 -2.75
N ALA B 132 -7.26 -28.91 -1.97
CA ALA B 132 -7.32 -27.77 -1.07
C ALA B 132 -6.74 -26.53 -1.75
N TYR B 133 -7.10 -25.37 -1.23
CA TYR B 133 -6.74 -24.11 -1.86
C TYR B 133 -6.69 -23.01 -0.81
N GLU B 134 -5.86 -22.00 -1.06
CA GLU B 134 -5.85 -20.82 -0.21
C GLU B 134 -5.70 -19.58 -1.07
N LEU B 135 -6.07 -18.45 -0.48
CA LEU B 135 -6.22 -17.20 -1.21
C LEU B 135 -4.91 -16.43 -1.37
N ASP B 136 -4.19 -16.20 -0.26
CA ASP B 136 -2.90 -15.49 -0.19
C ASP B 136 -2.96 -14.13 -0.86
N PRO B 137 -3.54 -13.12 -0.20
CA PRO B 137 -3.79 -11.83 -0.87
C PRO B 137 -2.53 -11.04 -1.18
N HIS B 138 -1.39 -11.40 -0.62
CA HIS B 138 -0.11 -10.78 -0.93
C HIS B 138 0.83 -11.90 -1.33
N CYS B 139 1.42 -11.79 -2.52
CA CYS B 139 2.11 -12.91 -3.17
C CYS B 139 3.41 -13.21 -2.44
N LYS B 140 3.29 -13.98 -1.35
CA LYS B 140 4.42 -14.26 -0.48
C LYS B 140 4.61 -15.72 -0.11
N VAL B 141 3.80 -16.64 -0.64
CA VAL B 141 3.98 -18.05 -0.34
C VAL B 141 4.00 -18.82 -1.66
N SER B 142 4.79 -19.90 -1.69
CA SER B 142 4.94 -20.71 -2.89
C SER B 142 4.32 -22.09 -2.79
N SER B 143 4.06 -22.58 -1.58
CA SER B 143 3.33 -23.82 -1.36
C SER B 143 2.02 -23.51 -0.64
N LEU B 144 1.23 -24.55 -0.40
CA LEU B 144 -0.11 -24.33 0.14
C LEU B 144 -0.08 -23.99 1.63
N GLN B 145 0.44 -24.91 2.45
CA GLN B 145 0.70 -24.72 3.88
C GLN B 145 -0.53 -24.48 4.74
N SER B 146 -1.74 -24.58 4.19
CA SER B 146 -2.96 -24.37 4.97
C SER B 146 -4.10 -25.13 4.30
N TYR B 147 -4.68 -26.09 5.02
CA TYR B 147 -5.67 -27.01 4.47
C TYR B 147 -7.06 -26.77 5.05
N VAL B 148 -7.43 -25.50 5.23
CA VAL B 148 -8.67 -25.18 5.94
C VAL B 148 -9.88 -25.46 5.06
N ASN B 149 -9.93 -24.88 3.87
CA ASN B 149 -11.04 -25.06 2.96
C ASN B 149 -10.58 -25.80 1.70
N LYS B 150 -11.47 -26.60 1.14
CA LYS B 150 -11.09 -27.54 0.09
C LYS B 150 -12.31 -27.99 -0.69
N PHE B 151 -12.06 -28.38 -1.94
CA PHE B 151 -13.04 -29.00 -2.80
C PHE B 151 -12.90 -30.51 -2.73
N GLN B 152 -13.99 -31.21 -3.04
CA GLN B 152 -13.95 -32.66 -3.18
C GLN B 152 -13.75 -33.01 -4.64
N ILE B 153 -13.01 -34.09 -4.89
CA ILE B 153 -12.67 -34.46 -6.26
C ILE B 153 -13.90 -35.00 -7.00
N THR B 154 -14.76 -35.75 -6.31
CA THR B 154 -15.97 -36.24 -6.95
C THR B 154 -16.96 -35.11 -7.20
N LYS B 155 -17.36 -34.39 -6.14
CA LYS B 155 -18.32 -33.30 -6.25
C LYS B 155 -17.56 -32.00 -6.34
N GLY B 156 -17.58 -31.38 -7.51
CA GLY B 156 -16.89 -30.11 -7.69
C GLY B 156 -17.56 -28.97 -6.97
N GLY B 157 -16.87 -27.83 -6.94
CA GLY B 157 -17.37 -26.72 -6.17
C GLY B 157 -17.09 -25.35 -6.77
N ALA B 158 -17.32 -24.30 -5.99
CA ALA B 158 -17.10 -22.94 -6.46
C ALA B 158 -16.87 -22.04 -5.25
N LYS B 159 -16.01 -21.03 -5.43
CA LYS B 159 -15.69 -20.08 -4.38
C LYS B 159 -15.55 -18.70 -5.00
N THR B 160 -16.29 -17.73 -4.47
CA THR B 160 -16.33 -16.38 -5.01
C THR B 160 -15.65 -15.44 -4.03
N TYR B 161 -14.60 -14.77 -4.49
CA TYR B 161 -13.84 -13.81 -3.70
C TYR B 161 -14.16 -12.39 -4.14
N GLN B 162 -14.55 -11.56 -3.19
CA GLN B 162 -14.90 -10.16 -3.44
C GLN B 162 -13.63 -9.32 -3.47
N ALA B 163 -13.80 -7.99 -3.44
CA ALA B 163 -12.68 -7.09 -3.68
C ALA B 163 -11.77 -6.95 -2.47
N ARG B 164 -12.34 -6.89 -1.27
CA ARG B 164 -11.54 -6.65 -0.08
C ARG B 164 -10.71 -7.86 0.32
N MET B 165 -11.07 -9.05 -0.16
CA MET B 165 -10.31 -10.25 0.16
C MET B 165 -9.03 -10.36 -0.64
N ILE B 166 -9.02 -9.88 -1.88
CA ILE B 166 -7.97 -10.23 -2.83
C ILE B 166 -7.02 -9.08 -3.12
N ASN B 167 -6.89 -8.15 -2.16
CA ASN B 167 -6.09 -6.91 -2.32
C ASN B 167 -6.60 -6.10 -3.51
N GLY B 168 -7.91 -5.95 -3.60
CA GLY B 168 -8.51 -5.34 -4.76
C GLY B 168 -9.21 -4.02 -4.49
N VAL B 169 -8.72 -3.27 -3.51
CA VAL B 169 -9.27 -1.96 -3.21
C VAL B 169 -8.36 -0.82 -3.66
N GLU B 170 -7.08 -1.09 -3.90
CA GLU B 170 -6.16 -0.07 -4.37
C GLU B 170 -5.62 -0.46 -5.74
N TRP B 171 -5.24 0.55 -6.51
CA TRP B 171 -4.73 0.33 -7.85
C TRP B 171 -3.31 -0.20 -7.79
N HIS B 172 -3.04 -1.22 -8.60
CA HIS B 172 -1.74 -1.86 -8.65
C HIS B 172 -1.08 -1.54 -9.98
N ASP B 173 0.23 -1.38 -9.95
CA ASP B 173 0.99 -1.14 -11.17
C ASP B 173 0.99 -2.40 -12.03
N SER B 174 1.11 -2.21 -13.34
CA SER B 174 1.00 -3.30 -14.31
C SER B 174 2.23 -4.21 -14.34
N SER B 175 3.19 -4.04 -13.44
CA SER B 175 4.24 -5.01 -13.23
C SER B 175 4.21 -5.58 -11.82
N GLU B 176 3.09 -5.43 -11.13
CA GLU B 176 2.91 -5.93 -9.77
C GLU B 176 1.88 -7.05 -9.76
N ASP B 177 2.27 -8.21 -9.24
CA ASP B 177 1.32 -9.27 -8.99
C ASP B 177 0.41 -8.89 -7.83
N GLN B 178 -0.86 -9.23 -7.93
CA GLN B 178 -1.82 -8.80 -6.92
C GLN B 178 -2.03 -9.84 -5.82
N CYS B 179 -2.50 -11.03 -6.19
CA CYS B 179 -2.76 -12.10 -5.23
C CYS B 179 -2.47 -13.43 -5.89
N ARG B 180 -2.33 -14.48 -5.09
CA ARG B 180 -1.92 -15.79 -5.61
C ARG B 180 -2.75 -16.88 -4.97
N ILE B 181 -3.74 -17.41 -5.69
CA ILE B 181 -4.50 -18.56 -5.20
C ILE B 181 -3.70 -19.83 -5.45
N LEU B 182 -3.51 -20.64 -4.40
CA LEU B 182 -2.76 -21.87 -4.53
C LEU B 182 -3.66 -23.07 -4.25
N TRP B 183 -3.34 -24.21 -4.87
CA TRP B 183 -4.07 -25.44 -4.61
C TRP B 183 -3.09 -26.58 -4.45
N LYS B 184 -3.58 -27.66 -3.84
CA LYS B 184 -2.80 -28.88 -3.64
C LYS B 184 -3.78 -30.01 -3.33
N GLY B 185 -3.75 -31.06 -4.14
CA GLY B 185 -4.65 -32.17 -3.93
C GLY B 185 -3.99 -33.36 -3.26
N ASN B 186 -4.78 -34.28 -2.73
CA ASN B 186 -4.25 -35.46 -2.05
C ASN B 186 -4.74 -36.76 -2.68
N GLY B 187 -5.28 -36.69 -3.89
CA GLY B 187 -5.78 -37.87 -4.57
C GLY B 187 -4.67 -38.71 -5.16
N LYS B 188 -5.07 -39.68 -5.97
CA LYS B 188 -4.10 -40.57 -6.59
C LYS B 188 -3.46 -39.89 -7.78
N SER B 189 -2.30 -40.41 -8.17
CA SER B 189 -1.57 -39.89 -9.32
C SER B 189 -2.03 -40.51 -10.64
N SER B 190 -3.17 -41.19 -10.65
CA SER B 190 -3.71 -41.80 -11.85
C SER B 190 -5.11 -41.31 -12.20
N ASP B 191 -5.83 -40.76 -11.24
CA ASP B 191 -7.17 -40.27 -11.48
C ASP B 191 -7.11 -38.91 -12.18
N SER B 192 -8.28 -38.40 -12.54
CA SER B 192 -8.36 -37.16 -13.31
C SER B 192 -9.51 -36.31 -12.82
N ALA B 193 -9.24 -35.03 -12.57
CA ALA B 193 -10.25 -34.08 -12.11
C ALA B 193 -10.06 -32.71 -12.76
N GLY B 194 -9.86 -32.68 -14.09
CA GLY B 194 -9.51 -31.46 -14.82
C GLY B 194 -10.51 -30.32 -14.75
N SER B 195 -10.08 -29.17 -14.26
CA SER B 195 -11.02 -28.23 -13.65
C SER B 195 -10.45 -26.82 -13.65
N PHE B 196 -10.97 -26.00 -12.72
CA PHE B 196 -10.59 -24.61 -12.45
C PHE B 196 -10.92 -23.68 -13.63
N ARG B 197 -12.22 -23.59 -13.89
CA ARG B 197 -12.76 -22.45 -14.61
C ARG B 197 -12.71 -21.23 -13.71
N VAL B 198 -11.89 -20.24 -14.07
CA VAL B 198 -11.67 -19.05 -13.25
C VAL B 198 -12.15 -17.84 -14.02
N THR B 199 -12.96 -17.01 -13.36
CA THR B 199 -13.54 -15.80 -13.95
C THR B 199 -13.14 -14.60 -13.12
N ILE B 200 -12.31 -13.73 -13.67
CA ILE B 200 -11.87 -12.54 -12.96
C ILE B 200 -12.53 -11.31 -13.56
N LYS B 201 -12.85 -10.35 -12.69
CA LYS B 201 -13.36 -9.05 -13.10
C LYS B 201 -12.29 -8.03 -12.73
N VAL B 202 -11.73 -7.39 -13.74
CA VAL B 202 -10.59 -6.48 -13.59
C VAL B 202 -10.99 -5.11 -14.12
N ALA B 203 -10.53 -4.06 -13.46
CA ALA B 203 -10.74 -2.68 -13.87
C ALA B 203 -9.39 -2.02 -14.10
N LEU B 204 -9.33 -1.17 -15.14
CA LEU B 204 -8.07 -0.54 -15.55
C LEU B 204 -8.38 0.91 -15.88
N GLN B 205 -7.46 1.83 -15.55
CA GLN B 205 -7.83 3.23 -15.74
C GLN B 205 -6.85 4.10 -16.51
N ASN B 206 -5.55 3.84 -16.45
CA ASN B 206 -4.60 4.81 -16.97
C ASN B 206 -3.95 4.27 -18.24
N PRO B 207 -4.34 4.74 -19.42
CA PRO B 207 -3.94 4.08 -20.67
C PRO B 207 -2.48 4.33 -21.00
N LYS B 208 -1.93 3.43 -21.80
CA LYS B 208 -0.50 3.39 -22.09
C LYS B 208 -0.24 2.83 -23.48
N SER C 68 -14.01 -11.07 12.49
CA SER C 68 -13.31 -11.73 13.59
C SER C 68 -12.49 -10.74 14.40
N SER C 69 -13.13 -9.69 14.87
CA SER C 69 -12.46 -8.65 15.63
C SER C 69 -12.14 -9.12 17.04
N GLU C 70 -11.08 -8.55 17.62
CA GLU C 70 -10.64 -8.94 18.94
C GLU C 70 -9.83 -7.79 19.54
N THR C 71 -10.00 -7.57 20.84
CA THR C 71 -9.24 -6.56 21.58
C THR C 71 -8.16 -7.23 22.40
N PHE C 72 -6.99 -6.59 22.46
CA PHE C 72 -5.86 -7.10 23.23
C PHE C 72 -5.35 -6.00 24.14
N VAL C 73 -5.24 -6.31 25.43
CA VAL C 73 -4.71 -5.38 26.42
C VAL C 73 -3.38 -5.93 26.91
N PHE C 74 -2.33 -5.14 26.76
CA PHE C 74 -1.02 -5.53 27.26
C PHE C 74 -0.38 -4.33 27.93
N THR C 75 0.51 -4.60 28.88
CA THR C 75 1.14 -3.57 29.67
C THR C 75 2.64 -3.56 29.46
N LYS C 76 3.27 -2.47 29.88
CA LYS C 76 4.71 -2.35 29.95
C LYS C 76 5.12 -2.36 31.42
N ASP C 77 6.32 -2.86 31.68
CA ASP C 77 6.76 -3.18 33.03
C ASP C 77 7.15 -1.95 33.84
N ASN C 78 7.86 -2.17 34.95
CA ASN C 78 8.29 -1.10 35.85
C ASN C 78 9.25 -0.15 35.15
N LEU C 79 8.76 1.03 34.81
CA LEU C 79 9.50 1.97 33.99
C LEU C 79 10.27 2.96 34.85
N VAL C 80 11.52 3.17 34.50
CA VAL C 80 12.36 4.18 35.11
C VAL C 80 12.00 5.50 34.45
N GLY C 81 12.41 6.63 35.02
CA GLY C 81 11.93 7.92 34.56
C GLY C 81 12.45 8.35 33.21
N ASN C 82 13.64 7.90 32.82
CA ASN C 82 14.23 8.24 31.53
C ASN C 82 14.10 7.12 30.52
N THR C 83 12.95 6.45 30.51
CA THR C 83 12.75 5.25 29.71
C THR C 83 12.66 5.59 28.22
N GLN C 84 12.95 4.58 27.40
CA GLN C 84 12.82 4.66 25.96
C GLN C 84 12.22 3.35 25.47
N GLY C 85 11.81 3.34 24.21
CA GLY C 85 11.30 2.12 23.62
C GLY C 85 10.43 2.42 22.43
N SER C 86 9.73 1.38 21.98
CA SER C 86 8.86 1.46 20.82
C SER C 86 7.90 0.29 20.84
N PHE C 87 6.66 0.55 20.45
CA PHE C 87 5.63 -0.48 20.32
C PHE C 87 5.39 -0.67 18.83
N THR C 88 6.19 -1.52 18.19
CA THR C 88 6.01 -1.80 16.78
C THR C 88 4.90 -2.82 16.61
N PHE C 89 3.73 -2.34 16.19
CA PHE C 89 2.54 -3.17 16.16
C PHE C 89 2.54 -4.11 14.97
N GLY C 90 1.98 -5.30 15.18
CA GLY C 90 1.98 -6.33 14.18
C GLY C 90 2.72 -7.56 14.67
N PRO C 91 3.48 -8.20 13.78
CA PRO C 91 4.26 -9.38 14.18
C PRO C 91 5.56 -9.07 14.92
N SER C 92 5.77 -7.85 15.38
CA SER C 92 6.97 -7.51 16.13
C SER C 92 6.67 -7.00 17.53
N LEU C 93 5.44 -7.14 18.01
CA LEU C 93 5.13 -6.87 19.42
C LEU C 93 5.73 -7.96 20.27
N SER C 94 6.85 -7.67 20.91
CA SER C 94 7.39 -8.59 21.90
C SER C 94 6.62 -8.54 23.22
N ASP C 95 5.77 -7.54 23.41
CA ASP C 95 5.08 -7.33 24.68
C ASP C 95 3.69 -7.92 24.70
N CYS C 96 3.21 -8.49 23.61
CA CYS C 96 1.91 -9.16 23.56
C CYS C 96 2.04 -10.42 22.72
N PRO C 97 2.46 -11.54 23.32
CA PRO C 97 2.63 -12.78 22.54
C PRO C 97 1.31 -13.37 22.07
N ALA C 98 0.20 -13.11 22.76
CA ALA C 98 -1.11 -13.57 22.32
C ALA C 98 -1.56 -12.90 21.03
N PHE C 99 -0.96 -11.77 20.66
CA PHE C 99 -1.12 -11.19 19.34
C PHE C 99 0.08 -11.43 18.44
N LYS C 100 1.27 -11.62 19.01
CA LYS C 100 2.47 -11.81 18.20
C LYS C 100 2.45 -13.17 17.51
N ASP C 101 2.45 -14.25 18.29
CA ASP C 101 2.37 -15.59 17.73
C ASP C 101 1.15 -16.34 18.24
N GLY C 102 0.09 -15.60 18.53
CA GLY C 102 -1.17 -16.16 18.92
C GLY C 102 -2.17 -16.11 17.78
N ILE C 103 -3.02 -15.09 17.78
CA ILE C 103 -4.08 -14.96 16.79
C ILE C 103 -3.54 -14.62 15.41
N LEU C 104 -2.29 -14.14 15.31
CA LEU C 104 -1.77 -13.68 14.04
C LEU C 104 -1.24 -14.82 13.18
N LYS C 105 -0.88 -15.95 13.79
CA LYS C 105 -0.44 -17.12 13.06
C LYS C 105 -1.59 -17.89 12.42
N ALA C 106 -2.83 -17.56 12.77
CA ALA C 106 -3.99 -18.26 12.25
C ALA C 106 -4.78 -17.46 11.23
N TYR C 107 -4.20 -16.38 10.70
CA TYR C 107 -4.86 -15.57 9.69
C TYR C 107 -3.84 -15.03 8.71
N HIS C 108 -4.26 -14.86 7.45
CA HIS C 108 -3.36 -14.32 6.43
C HIS C 108 -3.15 -12.82 6.62
N GLU C 109 -4.21 -12.07 6.87
CA GLU C 109 -4.11 -10.63 6.86
C GLU C 109 -4.95 -10.02 7.98
N TYR C 110 -4.50 -8.85 8.45
CA TYR C 110 -5.10 -8.17 9.58
C TYR C 110 -5.11 -6.67 9.32
N LYS C 111 -5.74 -5.95 10.23
CA LYS C 111 -5.54 -4.50 10.39
C LYS C 111 -5.97 -4.13 11.79
N ILE C 112 -5.27 -3.19 12.40
CA ILE C 112 -5.60 -2.74 13.75
C ILE C 112 -6.54 -1.56 13.65
N THR C 113 -7.76 -1.74 14.14
CA THR C 113 -8.78 -0.72 13.99
C THR C 113 -8.54 0.46 14.93
N SER C 114 -8.11 0.21 16.17
CA SER C 114 -7.85 1.35 17.05
C SER C 114 -6.76 1.01 18.05
N ILE C 115 -6.12 2.04 18.58
CA ILE C 115 -5.07 1.89 19.59
C ILE C 115 -5.31 2.90 20.70
N LEU C 116 -5.55 2.42 21.91
CA LEU C 116 -5.69 3.29 23.08
C LEU C 116 -4.45 3.09 23.95
N LEU C 117 -3.57 4.08 23.95
CA LEU C 117 -2.36 4.03 24.75
C LEU C 117 -2.57 4.85 26.01
N GLN C 118 -2.35 4.21 27.16
CA GLN C 118 -2.66 4.83 28.44
C GLN C 118 -1.43 4.78 29.34
N PHE C 119 -1.09 5.93 29.92
CA PHE C 119 0.02 6.07 30.84
C PHE C 119 -0.54 6.08 32.25
N VAL C 120 -0.34 4.99 32.99
CA VAL C 120 -0.85 4.82 34.34
C VAL C 120 0.32 4.94 35.29
N SER C 121 0.46 6.10 35.93
CA SER C 121 1.68 6.44 36.65
C SER C 121 1.54 6.13 38.13
N GLU C 122 2.43 5.27 38.63
CA GLU C 122 2.69 5.21 40.08
C GLU C 122 4.04 5.89 40.30
N ALA C 123 3.98 7.21 40.39
CA ALA C 123 5.15 8.05 40.58
C ALA C 123 4.91 9.00 41.73
N SER C 124 5.99 9.37 42.41
CA SER C 124 5.90 10.32 43.52
C SER C 124 5.58 11.70 42.98
N SER C 125 4.95 12.53 43.81
CA SER C 125 4.56 13.86 43.40
C SER C 125 5.73 14.85 43.44
N THR C 126 6.93 14.41 43.82
CA THR C 126 8.12 15.24 43.76
C THR C 126 9.06 14.82 42.64
N SER C 127 8.59 14.00 41.71
CA SER C 127 9.41 13.56 40.58
C SER C 127 9.08 14.42 39.36
N SER C 128 10.10 15.07 38.80
CA SER C 128 9.92 15.97 37.68
C SER C 128 10.29 15.28 36.39
N GLY C 129 9.55 15.57 35.34
CA GLY C 129 9.82 15.00 34.04
C GLY C 129 8.54 14.79 33.26
N SER C 130 8.71 14.34 32.03
CA SER C 130 7.58 14.17 31.11
C SER C 130 7.99 13.19 30.02
N ILE C 131 7.19 12.17 29.80
CA ILE C 131 7.49 11.13 28.82
C ILE C 131 6.78 11.47 27.52
N ALA C 132 7.56 11.71 26.47
CA ALA C 132 7.02 12.10 25.18
C ALA C 132 6.83 10.88 24.29
N TYR C 133 6.00 11.02 23.27
CA TYR C 133 5.61 9.89 22.44
C TYR C 133 5.22 10.40 21.07
N GLU C 134 5.40 9.56 20.05
CA GLU C 134 4.90 9.88 18.72
C GLU C 134 4.33 8.63 18.09
N LEU C 135 3.50 8.84 17.07
CA LEU C 135 2.68 7.78 16.49
C LEU C 135 3.41 6.98 15.43
N ASP C 136 4.03 7.64 14.43
CA ASP C 136 4.78 7.04 13.33
C ASP C 136 3.99 5.97 12.60
N PRO C 137 3.04 6.36 11.73
CA PRO C 137 2.14 5.38 11.13
C PRO C 137 2.78 4.44 10.14
N HIS C 138 4.00 4.71 9.70
CA HIS C 138 4.77 3.81 8.85
C HIS C 138 6.10 3.58 9.54
N CYS C 139 6.43 2.31 9.77
CA CYS C 139 7.52 1.92 10.68
C CYS C 139 8.86 2.27 10.05
N LYS C 140 9.25 3.54 10.20
CA LYS C 140 10.45 4.06 9.55
C LYS C 140 11.37 4.86 10.45
N VAL C 141 11.08 4.98 11.74
CA VAL C 141 11.97 5.70 12.65
C VAL C 141 12.24 4.81 13.86
N SER C 142 13.45 4.94 14.41
CA SER C 142 13.88 4.13 15.54
C SER C 142 14.05 4.92 16.83
N SER C 143 14.18 6.24 16.75
CA SER C 143 14.19 7.11 17.91
C SER C 143 12.98 8.03 17.87
N LEU C 144 12.84 8.87 18.88
CA LEU C 144 11.64 9.68 19.00
C LEU C 144 11.64 10.85 18.02
N GLN C 145 12.62 11.75 18.15
CA GLN C 145 12.90 12.85 17.23
C GLN C 145 11.79 13.91 17.14
N SER C 146 10.75 13.83 17.96
CA SER C 146 9.67 14.82 17.93
C SER C 146 9.00 14.86 19.29
N TYR C 147 9.05 16.01 19.94
CA TYR C 147 8.61 16.18 21.32
C TYR C 147 7.35 17.03 21.41
N VAL C 148 6.42 16.85 20.50
CA VAL C 148 5.25 17.73 20.41
C VAL C 148 4.27 17.45 21.53
N ASN C 149 3.82 16.20 21.64
CA ASN C 149 2.86 15.81 22.66
C ASN C 149 3.51 14.83 23.64
N LYS C 150 3.08 14.91 24.90
CA LYS C 150 3.78 14.21 25.97
C LYS C 150 2.88 14.06 27.18
N PHE C 151 3.17 13.03 27.97
CA PHE C 151 2.55 12.80 29.27
C PHE C 151 3.43 13.37 30.37
N GLN C 152 2.81 13.69 31.50
CA GLN C 152 3.55 14.09 32.68
C GLN C 152 3.76 12.86 33.56
N ILE C 153 4.91 12.81 34.23
CA ILE C 153 5.25 11.63 35.03
C ILE C 153 4.40 11.57 36.29
N THR C 154 4.10 12.72 36.90
CA THR C 154 3.23 12.71 38.08
C THR C 154 1.79 12.38 37.70
N LYS C 155 1.20 13.16 36.81
CA LYS C 155 -0.18 12.98 36.39
C LYS C 155 -0.20 12.19 35.10
N GLY C 156 -0.64 10.94 35.16
CA GLY C 156 -0.69 10.10 33.98
C GLY C 156 -1.77 10.53 33.02
N GLY C 157 -1.74 9.94 31.83
CA GLY C 157 -2.65 10.36 30.78
C GLY C 157 -3.15 9.26 29.89
N ALA C 158 -3.80 9.62 28.78
CA ALA C 158 -4.33 8.66 27.85
C ALA C 158 -4.46 9.30 26.48
N LYS C 159 -4.24 8.53 25.43
CA LYS C 159 -4.35 9.00 24.06
C LYS C 159 -4.98 7.91 23.21
N THR C 160 -6.04 8.25 22.50
CA THR C 160 -6.80 7.30 21.69
C THR C 160 -6.59 7.60 20.22
N TYR C 161 -6.07 6.63 19.49
CA TYR C 161 -5.81 6.74 18.06
C TYR C 161 -6.84 5.93 17.29
N GLN C 162 -7.50 6.59 16.33
CA GLN C 162 -8.52 5.97 15.50
C GLN C 162 -7.85 5.24 14.34
N ALA C 163 -8.66 4.84 13.35
CA ALA C 163 -8.17 3.95 12.30
C ALA C 163 -7.33 4.68 11.26
N ARG C 164 -7.75 5.89 10.87
CA ARG C 164 -7.06 6.60 9.81
C ARG C 164 -5.69 7.14 10.24
N MET C 165 -5.46 7.25 11.54
CA MET C 165 -4.18 7.75 12.03
C MET C 165 -3.09 6.68 11.97
N ILE C 166 -3.44 5.42 12.16
CA ILE C 166 -2.47 4.38 12.47
C ILE C 166 -2.25 3.41 11.32
N ASN C 167 -2.51 3.87 10.08
CA ASN C 167 -2.45 3.04 8.86
C ASN C 167 -3.40 1.85 8.99
N GLY C 168 -4.62 2.12 9.44
CA GLY C 168 -5.56 1.07 9.74
C GLY C 168 -6.79 1.05 8.87
N VAL C 169 -6.65 1.48 7.62
CA VAL C 169 -7.75 1.44 6.66
C VAL C 169 -7.57 0.35 5.62
N GLU C 170 -6.36 -0.16 5.43
CA GLU C 170 -6.12 -1.23 4.48
C GLU C 170 -5.60 -2.46 5.21
N TRP C 171 -5.86 -3.63 4.61
CA TRP C 171 -5.44 -4.88 5.21
C TRP C 171 -3.94 -5.08 5.04
N HIS C 172 -3.28 -5.49 6.10
CA HIS C 172 -1.85 -5.71 6.10
C HIS C 172 -1.56 -7.20 6.21
N ASP C 173 -0.51 -7.63 5.53
CA ASP C 173 -0.10 -9.03 5.62
C ASP C 173 0.44 -9.33 7.01
N SER C 174 0.33 -10.60 7.42
CA SER C 174 0.69 -11.00 8.78
C SER C 174 2.19 -11.09 9.01
N SER C 175 3.02 -10.66 8.07
CA SER C 175 4.44 -10.45 8.31
C SER C 175 4.83 -8.99 8.12
N GLU C 176 3.86 -8.09 8.13
CA GLU C 176 4.08 -6.66 7.95
C GLU C 176 3.75 -5.93 9.24
N ASP C 177 4.72 -5.17 9.75
CA ASP C 177 4.45 -4.27 10.86
C ASP C 177 3.60 -3.11 10.37
N GLN C 178 2.67 -2.67 11.21
CA GLN C 178 1.71 -1.64 10.78
C GLN C 178 2.17 -0.24 11.17
N CYS C 179 2.32 0.03 12.47
CA CYS C 179 2.71 1.34 12.96
C CYS C 179 3.57 1.15 14.20
N ARG C 180 4.29 2.19 14.60
CA ARG C 180 5.26 2.08 15.71
C ARG C 180 5.14 3.31 16.60
N ILE C 181 4.50 3.17 17.75
CA ILE C 181 4.45 4.25 18.72
C ILE C 181 5.74 4.25 19.53
N LEU C 182 6.42 5.40 19.60
CA LEU C 182 7.67 5.50 20.33
C LEU C 182 7.52 6.47 21.50
N TRP C 183 8.30 6.23 22.55
CA TRP C 183 8.31 7.13 23.69
C TRP C 183 9.74 7.39 24.12
N LYS C 184 9.92 8.46 24.88
CA LYS C 184 11.22 8.85 25.44
C LYS C 184 10.96 9.83 26.57
N GLY C 185 11.44 9.50 27.77
CA GLY C 185 11.23 10.37 28.90
C GLY C 185 12.47 11.17 29.26
N ASN C 186 12.29 12.23 30.05
CA ASN C 186 13.41 13.09 30.44
C ASN C 186 13.57 13.15 31.96
N GLY C 187 12.96 12.24 32.70
CA GLY C 187 13.05 12.22 34.14
C GLY C 187 14.37 11.67 34.63
N LYS C 188 14.44 11.44 35.93
CA LYS C 188 15.64 10.92 36.53
C LYS C 188 15.75 9.42 36.30
N SER C 189 16.96 8.91 36.42
CA SER C 189 17.22 7.49 36.26
C SER C 189 17.01 6.69 37.54
N SER C 190 16.37 7.28 38.54
CA SER C 190 16.09 6.61 39.80
C SER C 190 14.61 6.58 40.15
N ASP C 191 13.81 7.44 39.56
CA ASP C 191 12.37 7.47 39.82
C ASP C 191 11.68 6.33 39.06
N SER C 192 10.38 6.19 39.29
CA SER C 192 9.63 5.09 38.72
C SER C 192 8.25 5.57 38.28
N ALA C 193 7.88 5.24 37.04
CA ALA C 193 6.57 5.61 36.49
C ALA C 193 5.99 4.48 35.65
N GLY C 194 6.03 3.24 36.15
CA GLY C 194 5.64 2.05 35.41
C GLY C 194 4.21 2.01 34.88
N SER C 195 4.06 1.89 33.56
CA SER C 195 2.84 2.38 32.92
C SER C 195 2.63 1.68 31.58
N PHE C 196 1.87 2.35 30.71
CA PHE C 196 1.53 1.97 29.34
C PHE C 196 0.67 0.70 29.29
N ARG C 197 -0.53 0.84 29.86
CA ARG C 197 -1.63 -0.05 29.53
C ARG C 197 -2.11 0.30 28.12
N VAL C 198 -1.94 -0.64 27.19
CA VAL C 198 -2.26 -0.42 25.78
C VAL C 198 -3.35 -1.39 25.37
N THR C 199 -4.40 -0.85 24.74
CA THR C 199 -5.56 -1.63 24.32
C THR C 199 -5.73 -1.47 22.81
N ILE C 200 -5.50 -2.53 22.05
CA ILE C 200 -5.64 -2.47 20.60
C ILE C 200 -6.89 -3.23 20.18
N LYS C 201 -7.57 -2.73 19.16
CA LYS C 201 -8.69 -3.40 18.52
C LYS C 201 -8.25 -3.78 17.12
N VAL C 202 -8.17 -5.07 16.85
CA VAL C 202 -7.64 -5.62 15.61
C VAL C 202 -8.72 -6.47 14.95
N ALA C 203 -8.78 -6.41 13.62
CA ALA C 203 -9.69 -7.21 12.82
C ALA C 203 -8.89 -8.08 11.86
N LEU C 204 -9.34 -9.31 11.66
CA LEU C 204 -8.62 -10.28 10.85
C LEU C 204 -9.64 -11.00 9.99
N GLN C 205 -9.28 -11.35 8.74
CA GLN C 205 -10.32 -11.90 7.88
C GLN C 205 -9.99 -13.20 7.15
N ASN C 206 -8.74 -13.46 6.81
CA ASN C 206 -8.44 -14.56 5.90
C ASN C 206 -7.74 -15.68 6.65
N PRO C 207 -8.43 -16.76 7.00
CA PRO C 207 -7.87 -17.74 7.93
C PRO C 207 -6.77 -18.59 7.31
N LYS C 208 -5.93 -19.13 8.18
CA LYS C 208 -4.71 -19.81 7.76
C LYS C 208 -4.34 -20.91 8.75
#